data_8IY6
#
_entry.id   8IY6
#
_cell.length_a   1.00
_cell.length_b   1.00
_cell.length_c   1.00
_cell.angle_alpha   90.00
_cell.angle_beta   90.00
_cell.angle_gamma   90.00
#
_symmetry.space_group_name_H-M   'P 1'
#
loop_
_entity.id
_entity.type
_entity.pdbx_description
1 polymer 'Endothelin type B receptor'
2 polymer Endothelin-1
#
loop_
_entity_poly.entity_id
_entity_poly.type
_entity_poly.pdbx_seq_one_letter_code
_entity_poly.pdbx_strand_id
1 'polypeptide(L)'
;EERGFPPDRATPLLQTAEIMTPPTKTLWPKGDYKDDDDKLAPAEVPKGDRTAGSPPRTISPPPCQGPIEIKETFKYINTV
VSCLVFVLGIIGNSTLLRIIYKNKCMRNGPNILIASLALGDLLHIVIDIPINVYKLLAEDWPFGAEMCKLVPFIQKASVG
ITVLSLCALSIDRYRAVASWSRIKGIGVPKWTAVEIVLIWVVSVVLAVPEAIGFDIITMDYKGSYLRICLLHPVQKTAFM
QFYKTAKDWWLFSFYFCLPLAITAFFYTLMTCEMLRKKSGMQIALNDHLKQRREVAKTVFCLVLVFALCWLPLHLSRILK
LTLYNQNDPNRCELLSFLLVLDYIGINMASLNSCINPIALYLVSKRFKNCFKSCLCCWCQSFEEKQSLEEKQSCLKFKAN
DHGYDNFRSSNKYSSSGSGGGGSGGSSSGGVFTLEDFVGDWEQTAAYNLDQVLEQGGVSSLLQNLAVSVTPIQRIVRSGE
NALKIDIHVIIPYEGLSADQMAQIEEVFKVVYPVDDHHFKVILPYGTLVIDGVTPNMLNYFGRPYEGIAVFDGKKITVTG
TLWNGNKIIDERLITPDGSMLFRVTINSGGSGGGGSGGSSSGGLEVLFQ
;
R
2 'polypeptide(L)' CSCSSLMDKECVYFCHLDIIW L
#
# COMPACT_ATOMS: atom_id res chain seq x y z
N PRO A 62 29.71 -5.64 17.66
CA PRO A 62 28.72 -5.45 16.59
C PRO A 62 27.89 -6.71 16.28
N PRO A 63 28.53 -7.87 16.15
CA PRO A 63 27.77 -9.07 15.81
C PRO A 63 26.69 -9.37 16.84
N CYS A 64 25.56 -9.89 16.35
CA CYS A 64 24.41 -10.21 17.19
C CYS A 64 24.44 -11.65 17.67
N GLN A 65 25.52 -12.37 17.42
CA GLN A 65 25.55 -13.83 17.59
C GLN A 65 24.64 -14.50 16.57
N GLY A 66 24.66 -13.97 15.34
CA GLY A 66 23.84 -14.50 14.27
C GLY A 66 23.80 -13.54 13.09
N PRO A 67 23.90 -14.05 11.87
CA PRO A 67 23.84 -13.18 10.69
C PRO A 67 22.40 -12.77 10.36
N ILE A 68 22.26 -12.01 9.28
CA ILE A 68 20.97 -11.61 8.74
C ILE A 68 20.87 -12.21 7.34
N GLU A 69 19.83 -13.02 7.12
CA GLU A 69 19.63 -13.68 5.84
C GLU A 69 18.17 -14.09 5.73
N ILE A 70 17.77 -14.48 4.53
CA ILE A 70 16.39 -14.82 4.23
C ILE A 70 16.36 -16.27 3.73
N LYS A 71 15.46 -17.07 4.29
CA LYS A 71 15.31 -18.45 3.86
C LYS A 71 14.81 -18.51 2.42
N GLU A 72 15.26 -19.54 1.70
CA GLU A 72 14.89 -19.68 0.29
C GLU A 72 13.44 -20.14 0.12
N THR A 73 12.93 -20.95 1.05
CA THR A 73 11.54 -21.38 0.97
C THR A 73 10.61 -20.18 0.99
N PHE A 74 10.85 -19.23 1.91
CA PHE A 74 10.03 -18.03 1.96
C PHE A 74 10.15 -17.23 0.67
N LYS A 75 11.34 -17.19 0.08
CA LYS A 75 11.51 -16.47 -1.18
C LYS A 75 10.66 -17.10 -2.28
N TYR A 76 10.66 -18.43 -2.36
CA TYR A 76 9.85 -19.09 -3.38
C TYR A 76 8.37 -18.82 -3.17
N ILE A 77 7.90 -18.98 -1.93
CA ILE A 77 6.50 -18.71 -1.62
C ILE A 77 6.14 -17.28 -2.00
N ASN A 78 6.97 -16.32 -1.62
CA ASN A 78 6.68 -14.93 -1.90
C ASN A 78 6.65 -14.67 -3.40
N THR A 79 7.59 -15.25 -4.15
CA THR A 79 7.60 -15.02 -5.59
C THR A 79 6.32 -15.54 -6.24
N VAL A 80 5.88 -16.74 -5.86
CA VAL A 80 4.66 -17.30 -6.44
C VAL A 80 3.45 -16.45 -6.08
N VAL A 81 3.32 -16.11 -4.79
CA VAL A 81 2.18 -15.33 -4.33
C VAL A 81 2.15 -13.98 -5.03
N SER A 82 3.32 -13.33 -5.13
CA SER A 82 3.39 -12.01 -5.76
C SER A 82 3.04 -12.09 -7.23
N CYS A 83 3.53 -13.11 -7.94
CA CYS A 83 3.19 -13.25 -9.35
C CYS A 83 1.68 -13.40 -9.52
N LEU A 84 1.07 -14.28 -8.73
CA LEU A 84 -0.36 -14.52 -8.88
C LEU A 84 -1.18 -13.28 -8.56
N VAL A 85 -0.86 -12.61 -7.44
CA VAL A 85 -1.63 -11.43 -7.05
C VAL A 85 -1.43 -10.31 -8.06
N PHE A 86 -0.21 -10.15 -8.56
CA PHE A 86 0.07 -9.13 -9.58
C PHE A 86 -0.80 -9.37 -10.81
N VAL A 87 -0.80 -10.59 -11.34
CA VAL A 87 -1.57 -10.88 -12.54
C VAL A 87 -3.06 -10.65 -12.28
N LEU A 88 -3.57 -11.17 -11.15
CA LEU A 88 -4.99 -11.06 -10.88
C LEU A 88 -5.41 -9.61 -10.73
N GLY A 89 -4.65 -8.82 -9.96
CA GLY A 89 -5.00 -7.42 -9.78
C GLY A 89 -4.96 -6.63 -11.07
N ILE A 90 -3.92 -6.84 -11.88
CA ILE A 90 -3.84 -6.09 -13.13
C ILE A 90 -5.01 -6.45 -14.04
N ILE A 91 -5.30 -7.74 -14.19
CA ILE A 91 -6.41 -8.13 -15.06
C ILE A 91 -7.72 -7.54 -14.55
N GLY A 92 -7.97 -7.66 -13.25
CA GLY A 92 -9.24 -7.19 -12.71
C GLY A 92 -9.41 -5.69 -12.87
N ASN A 93 -8.37 -4.92 -12.53
CA ASN A 93 -8.50 -3.47 -12.60
C ASN A 93 -8.56 -2.97 -14.03
N SER A 94 -7.77 -3.58 -14.92
CA SER A 94 -7.85 -3.20 -16.33
C SER A 94 -9.23 -3.50 -16.90
N THR A 95 -9.81 -4.66 -16.53
CA THR A 95 -11.15 -4.99 -17.01
C THR A 95 -12.18 -4.00 -16.47
N LEU A 96 -12.08 -3.64 -15.19
CA LEU A 96 -13.01 -2.68 -14.61
C LEU A 96 -12.92 -1.34 -15.32
N LEU A 97 -11.69 -0.87 -15.56
CA LEU A 97 -11.51 0.41 -16.26
C LEU A 97 -12.07 0.34 -17.67
N ARG A 98 -11.78 -0.75 -18.39
CA ARG A 98 -12.29 -0.90 -19.75
C ARG A 98 -13.82 -0.87 -19.75
N ILE A 99 -14.45 -1.58 -18.82
CA ILE A 99 -15.90 -1.60 -18.76
C ILE A 99 -16.44 -0.19 -18.51
N ILE A 100 -15.89 0.50 -17.51
CA ILE A 100 -16.44 1.80 -17.14
C ILE A 100 -16.26 2.79 -18.28
N TYR A 101 -15.09 2.81 -18.91
CA TYR A 101 -14.84 3.79 -19.97
C TYR A 101 -15.66 3.49 -21.22
N LYS A 102 -15.66 2.23 -21.67
CA LYS A 102 -16.31 1.91 -22.94
C LYS A 102 -17.81 2.14 -22.88
N ASN A 103 -18.46 1.73 -21.79
CA ASN A 103 -19.92 1.76 -21.72
C ASN A 103 -20.38 3.14 -21.26
N LYS A 104 -21.09 3.84 -22.13
CA LYS A 104 -21.54 5.20 -21.81
C LYS A 104 -22.46 5.21 -20.61
N CYS A 105 -23.38 4.24 -20.52
CA CYS A 105 -24.29 4.18 -19.39
C CYS A 105 -23.54 4.06 -18.06
N MET A 106 -22.33 3.52 -18.07
CA MET A 106 -21.54 3.34 -16.88
C MET A 106 -20.66 4.54 -16.55
N ARG A 107 -20.73 5.60 -17.34
CA ARG A 107 -19.97 6.83 -17.09
C ARG A 107 -20.84 7.73 -16.21
N ASN A 108 -20.65 7.60 -14.90
CA ASN A 108 -21.44 8.37 -13.94
C ASN A 108 -20.63 8.52 -12.65
N GLY A 109 -21.05 9.47 -11.82
CA GLY A 109 -20.30 9.89 -10.66
C GLY A 109 -19.68 8.76 -9.86
N PRO A 110 -20.52 7.93 -9.23
CA PRO A 110 -19.97 6.79 -8.47
C PRO A 110 -19.09 5.89 -9.32
N ASN A 111 -19.44 5.70 -10.59
CA ASN A 111 -18.60 4.88 -11.46
C ASN A 111 -17.26 5.55 -11.73
N ILE A 112 -17.23 6.89 -11.82
CA ILE A 112 -15.95 7.58 -11.96
C ILE A 112 -15.13 7.45 -10.68
N LEU A 113 -15.79 7.48 -9.52
CA LEU A 113 -15.07 7.22 -8.27
C LEU A 113 -14.47 5.82 -8.28
N ILE A 114 -15.24 4.83 -8.73
CA ILE A 114 -14.73 3.46 -8.82
C ILE A 114 -13.57 3.38 -9.80
N ALA A 115 -13.65 4.13 -10.90
CA ALA A 115 -12.55 4.14 -11.87
C ALA A 115 -11.30 4.79 -11.27
N SER A 116 -11.48 5.83 -10.48
CA SER A 116 -10.35 6.44 -9.77
C SER A 116 -9.71 5.42 -8.83
N LEU A 117 -10.52 4.71 -8.06
CA LEU A 117 -10.00 3.68 -7.18
C LEU A 117 -9.25 2.61 -7.96
N ALA A 118 -9.82 2.19 -9.10
CA ALA A 118 -9.19 1.16 -9.91
C ALA A 118 -7.85 1.62 -10.47
N LEU A 119 -7.79 2.86 -10.96
CA LEU A 119 -6.53 3.36 -11.51
C LEU A 119 -5.48 3.50 -10.42
N GLY A 120 -5.88 3.99 -9.25
CA GLY A 120 -4.95 4.05 -8.14
C GLY A 120 -4.42 2.67 -7.77
N ASP A 121 -5.31 1.67 -7.71
CA ASP A 121 -4.88 0.32 -7.39
C ASP A 121 -3.94 -0.23 -8.45
N LEU A 122 -4.23 0.04 -9.73
CA LEU A 122 -3.37 -0.44 -10.80
C LEU A 122 -1.97 0.16 -10.70
N LEU A 123 -1.91 1.48 -10.52
CA LEU A 123 -0.61 2.12 -10.37
C LEU A 123 0.12 1.64 -9.12
N HIS A 124 -0.64 1.35 -8.06
CA HIS A 124 -0.02 0.79 -6.85
C HIS A 124 0.59 -0.58 -7.14
N ILE A 125 -0.12 -1.42 -7.89
CA ILE A 125 0.40 -2.74 -8.20
C ILE A 125 1.64 -2.64 -9.07
N VAL A 126 1.62 -1.75 -10.07
CA VAL A 126 2.73 -1.69 -11.01
C VAL A 126 4.03 -1.29 -10.31
N ILE A 127 3.95 -0.42 -9.30
CA ILE A 127 5.15 0.16 -8.71
C ILE A 127 5.70 -0.63 -7.54
N ASP A 128 4.92 -1.54 -6.95
CA ASP A 128 5.34 -2.24 -5.74
C ASP A 128 5.87 -3.65 -6.02
N ILE A 129 5.07 -4.50 -6.64
CA ILE A 129 5.46 -5.90 -6.78
C ILE A 129 6.77 -6.05 -7.55
N PRO A 130 6.96 -5.40 -8.70
CA PRO A 130 8.23 -5.58 -9.43
C PRO A 130 9.46 -5.19 -8.63
N ILE A 131 9.41 -4.06 -7.92
CA ILE A 131 10.60 -3.60 -7.21
C ILE A 131 10.91 -4.51 -6.04
N ASN A 132 9.88 -5.01 -5.35
CA ASN A 132 10.11 -5.94 -4.25
C ASN A 132 10.64 -7.28 -4.76
N VAL A 133 10.17 -7.73 -5.92
CA VAL A 133 10.74 -8.93 -6.53
C VAL A 133 12.21 -8.72 -6.83
N TYR A 134 12.55 -7.54 -7.37
CA TYR A 134 13.95 -7.23 -7.65
C TYR A 134 14.76 -7.24 -6.36
N LYS A 135 14.22 -6.65 -5.29
CA LYS A 135 14.93 -6.63 -4.01
C LYS A 135 15.21 -8.04 -3.53
N LEU A 136 14.18 -8.90 -3.50
CA LEU A 136 14.38 -10.25 -2.98
C LEU A 136 15.35 -11.05 -3.85
N LEU A 137 15.20 -10.98 -5.16
CA LEU A 137 15.97 -11.85 -6.05
C LEU A 137 17.33 -11.28 -6.43
N ALA A 138 17.64 -10.05 -6.04
CA ALA A 138 18.93 -9.45 -6.36
C ALA A 138 19.65 -8.89 -5.14
N GLU A 139 18.91 -8.33 -4.18
CA GLU A 139 19.50 -7.67 -3.02
C GLU A 139 20.47 -6.57 -3.47
N ASP A 140 19.99 -5.69 -4.33
CA ASP A 140 20.78 -4.58 -4.83
C ASP A 140 19.84 -3.50 -5.35
N TRP A 141 20.35 -2.26 -5.38
CA TRP A 141 19.61 -1.13 -5.94
C TRP A 141 20.52 -0.38 -6.89
N PRO A 142 20.60 -0.82 -8.15
CA PRO A 142 21.46 -0.14 -9.13
C PRO A 142 20.80 1.00 -9.88
N PHE A 143 19.65 1.49 -9.43
CA PHE A 143 18.84 2.44 -10.20
C PHE A 143 19.24 3.90 -9.98
N GLY A 144 20.17 4.18 -9.07
CA GLY A 144 20.57 5.55 -8.80
C GLY A 144 19.73 6.21 -7.73
N ALA A 145 20.11 7.43 -7.40
CA ALA A 145 19.47 8.15 -6.29
C ALA A 145 18.09 8.65 -6.68
N GLU A 146 17.93 9.18 -7.89
CA GLU A 146 16.66 9.78 -8.26
C GLU A 146 15.54 8.75 -8.38
N MET A 147 15.87 7.55 -8.86
CA MET A 147 14.83 6.53 -9.00
C MET A 147 14.26 6.16 -7.64
N CYS A 148 15.12 5.94 -6.65
CA CYS A 148 14.67 5.71 -5.29
C CYS A 148 14.14 6.97 -4.64
N LYS A 149 14.38 8.12 -5.28
CA LYS A 149 13.82 9.37 -4.79
C LYS A 149 12.35 9.47 -5.17
N LEU A 150 12.01 8.94 -6.36
CA LEU A 150 10.65 8.95 -6.87
C LEU A 150 9.82 7.76 -6.42
N VAL A 151 10.40 6.56 -6.36
CA VAL A 151 9.61 5.37 -6.06
C VAL A 151 8.83 5.52 -4.76
N PRO A 152 9.43 5.91 -3.63
CA PRO A 152 8.60 6.15 -2.44
C PRO A 152 7.54 7.22 -2.68
N PHE A 153 7.88 8.28 -3.43
CA PHE A 153 6.91 9.32 -3.71
C PHE A 153 5.70 8.76 -4.46
N ILE A 154 5.96 8.03 -5.54
CA ILE A 154 4.86 7.48 -6.33
C ILE A 154 4.07 6.48 -5.51
N GLN A 155 4.77 5.65 -4.73
CA GLN A 155 4.09 4.63 -3.93
C GLN A 155 3.14 5.28 -2.92
N LYS A 156 3.61 6.27 -2.19
CA LYS A 156 2.75 6.92 -1.20
C LYS A 156 1.64 7.70 -1.87
N ALA A 157 1.91 8.33 -3.01
CA ALA A 157 0.85 9.02 -3.74
C ALA A 157 -0.25 8.04 -4.16
N SER A 158 0.14 6.88 -4.67
CA SER A 158 -0.84 5.88 -5.09
C SER A 158 -1.63 5.36 -3.90
N VAL A 159 -0.95 5.10 -2.78
CA VAL A 159 -1.66 4.61 -1.60
C VAL A 159 -2.66 5.65 -1.12
N GLY A 160 -2.25 6.92 -1.11
CA GLY A 160 -3.16 7.99 -0.72
C GLY A 160 -4.35 8.09 -1.66
N ILE A 161 -4.10 7.99 -2.97
CA ILE A 161 -5.19 8.04 -3.93
C ILE A 161 -6.16 6.90 -3.67
N THR A 162 -5.64 5.69 -3.45
CA THR A 162 -6.51 4.53 -3.23
C THR A 162 -7.34 4.70 -1.96
N VAL A 163 -6.71 5.13 -0.87
CA VAL A 163 -7.44 5.24 0.40
C VAL A 163 -8.50 6.33 0.31
N LEU A 164 -8.15 7.48 -0.27
CA LEU A 164 -9.11 8.57 -0.38
C LEU A 164 -10.22 8.25 -1.36
N SER A 165 -9.92 7.47 -2.41
CA SER A 165 -10.97 7.03 -3.32
C SER A 165 -11.91 6.05 -2.62
N LEU A 166 -11.38 5.17 -1.77
CA LEU A 166 -12.25 4.31 -0.98
C LEU A 166 -13.15 5.13 -0.08
N CYS A 167 -12.59 6.17 0.56
CA CYS A 167 -13.40 7.04 1.41
C CYS A 167 -14.50 7.72 0.60
N ALA A 168 -14.14 8.31 -0.54
CA ALA A 168 -15.11 9.00 -1.37
C ALA A 168 -16.20 8.06 -1.85
N LEU A 169 -15.82 6.85 -2.23
CA LEU A 169 -16.80 5.88 -2.72
C LEU A 169 -17.73 5.44 -1.60
N SER A 170 -17.21 5.25 -0.39
CA SER A 170 -18.09 4.95 0.74
C SER A 170 -19.08 6.08 0.96
N ILE A 171 -18.61 7.32 0.88
CA ILE A 171 -19.51 8.47 1.03
C ILE A 171 -20.58 8.44 -0.06
N ASP A 172 -20.18 8.14 -1.29
CA ASP A 172 -21.12 8.10 -2.41
C ASP A 172 -22.18 7.02 -2.20
N ARG A 173 -21.78 5.84 -1.76
CA ARG A 173 -22.75 4.78 -1.49
C ARG A 173 -23.70 5.19 -0.38
N TYR A 174 -23.17 5.81 0.69
CA TYR A 174 -24.05 6.27 1.76
C TYR A 174 -25.07 7.26 1.22
N ARG A 175 -24.63 8.21 0.41
CA ARG A 175 -25.56 9.19 -0.16
C ARG A 175 -26.61 8.51 -1.02
N ALA A 176 -26.17 7.58 -1.88
CA ALA A 176 -27.10 6.92 -2.79
C ALA A 176 -28.18 6.16 -2.03
N VAL A 177 -27.81 5.51 -0.93
CA VAL A 177 -28.78 4.73 -0.18
C VAL A 177 -29.60 5.60 0.75
N ALA A 178 -29.10 6.78 1.10
CA ALA A 178 -29.79 7.61 2.09
C ALA A 178 -30.73 8.60 1.44
N SER A 179 -30.31 9.23 0.35
CA SER A 179 -31.11 10.21 -0.36
C SER A 179 -31.55 9.63 -1.70
N TRP A 180 -32.79 9.94 -2.10
CA TRP A 180 -33.37 9.38 -3.32
C TRP A 180 -33.52 10.40 -4.43
N SER A 181 -33.17 11.66 -4.19
CA SER A 181 -33.09 12.63 -5.27
C SER A 181 -31.95 12.31 -6.23
N ARG A 182 -31.05 11.42 -5.85
CA ARG A 182 -29.90 11.06 -6.68
C ARG A 182 -30.37 10.44 -7.99
N THR A 192 -17.98 15.71 -7.99
CA THR A 192 -17.17 14.51 -8.19
C THR A 192 -15.88 14.85 -8.91
N ALA A 193 -15.97 15.72 -9.92
CA ALA A 193 -14.76 16.20 -10.58
C ALA A 193 -13.88 16.97 -9.61
N VAL A 194 -14.48 17.83 -8.78
CA VAL A 194 -13.71 18.58 -7.80
C VAL A 194 -13.16 17.65 -6.73
N GLU A 195 -13.94 16.63 -6.34
CA GLU A 195 -13.47 15.71 -5.31
C GLU A 195 -12.27 14.91 -5.79
N ILE A 196 -12.33 14.40 -7.02
CA ILE A 196 -11.24 13.57 -7.53
C ILE A 196 -9.96 14.40 -7.67
N VAL A 197 -10.08 15.60 -8.24
CA VAL A 197 -8.91 16.46 -8.37
C VAL A 197 -8.37 16.83 -6.99
N LEU A 198 -9.27 17.19 -6.07
CA LEU A 198 -8.86 17.51 -4.72
C LEU A 198 -8.18 16.32 -4.05
N ILE A 199 -8.75 15.13 -4.20
CA ILE A 199 -8.18 13.94 -3.59
C ILE A 199 -6.80 13.66 -4.16
N TRP A 200 -6.66 13.74 -5.49
CA TRP A 200 -5.39 13.41 -6.12
C TRP A 200 -4.31 14.44 -5.82
N VAL A 201 -4.66 15.72 -5.89
CA VAL A 201 -3.67 16.76 -5.60
C VAL A 201 -3.17 16.63 -4.16
N VAL A 202 -4.09 16.45 -3.22
CA VAL A 202 -3.70 16.28 -1.82
C VAL A 202 -2.84 15.04 -1.65
N SER A 203 -3.09 14.01 -2.47
CA SER A 203 -2.28 12.80 -2.39
C SER A 203 -0.87 13.03 -2.91
N VAL A 204 -0.74 13.82 -3.98
CA VAL A 204 0.59 14.06 -4.56
C VAL A 204 1.42 14.93 -3.63
N VAL A 205 0.82 15.95 -3.02
CA VAL A 205 1.59 16.84 -2.16
C VAL A 205 2.03 16.13 -0.90
N LEU A 206 1.19 15.30 -0.31
CA LEU A 206 1.56 14.60 0.92
C LEU A 206 2.70 13.62 0.71
N ALA A 207 2.97 13.21 -0.53
CA ALA A 207 4.09 12.35 -0.82
C ALA A 207 5.36 13.13 -1.14
N VAL A 208 5.31 14.46 -1.09
CA VAL A 208 6.51 15.26 -1.39
C VAL A 208 7.63 14.95 -0.43
N PRO A 209 7.42 14.84 0.88
CA PRO A 209 8.56 14.57 1.78
C PRO A 209 9.37 13.37 1.37
N GLU A 210 8.72 12.32 0.87
CA GLU A 210 9.44 11.17 0.34
C GLU A 210 10.28 11.56 -0.86
N ALA A 211 9.81 12.54 -1.64
CA ALA A 211 10.51 12.94 -2.86
C ALA A 211 11.71 13.83 -2.59
N ILE A 212 11.90 14.29 -1.37
CA ILE A 212 13.03 15.16 -1.03
C ILE A 212 13.85 14.51 0.09
N GLY A 213 13.31 13.43 0.68
CA GLY A 213 13.90 12.84 1.86
C GLY A 213 14.92 11.75 1.60
N PHE A 214 14.56 10.76 0.79
CA PHE A 214 15.42 9.59 0.62
C PHE A 214 16.73 9.97 -0.06
N ASP A 215 17.77 9.20 0.22
CA ASP A 215 19.08 9.41 -0.36
C ASP A 215 19.87 8.11 -0.22
N ILE A 216 20.97 8.03 -0.96
CA ILE A 216 21.82 6.83 -1.01
C ILE A 216 23.00 7.02 -0.08
N ILE A 217 23.40 5.92 0.58
CA ILE A 217 24.53 5.89 1.50
C ILE A 217 25.32 4.61 1.22
N THR A 218 26.64 4.73 1.36
CA THR A 218 27.55 3.61 1.13
C THR A 218 27.98 3.01 2.46
N MET A 219 28.46 1.77 2.41
CA MET A 219 28.86 1.07 3.61
C MET A 219 29.86 -0.04 3.28
N ASP A 220 30.62 -0.42 4.30
CA ASP A 220 31.25 -1.73 4.36
C ASP A 220 30.58 -2.54 5.47
N TYR A 221 30.30 -3.81 5.18
CA TYR A 221 29.59 -4.68 6.11
C TYR A 221 30.24 -6.06 6.02
N LYS A 222 31.04 -6.40 7.03
CA LYS A 222 31.70 -7.70 7.09
C LYS A 222 32.43 -7.99 5.78
N GLY A 223 33.02 -6.96 5.18
CA GLY A 223 33.80 -7.08 3.96
C GLY A 223 33.05 -6.63 2.72
N SER A 224 31.74 -6.87 2.66
CA SER A 224 30.97 -6.57 1.47
C SER A 224 30.64 -5.08 1.42
N TYR A 225 30.88 -4.45 0.27
CA TYR A 225 30.60 -3.03 0.09
C TYR A 225 29.18 -2.88 -0.45
N LEU A 226 28.38 -2.07 0.23
CA LEU A 226 26.95 -1.98 -0.05
C LEU A 226 26.54 -0.53 -0.29
N ARG A 227 25.42 -0.36 -1.00
CA ARG A 227 24.77 0.94 -1.17
C ARG A 227 23.29 0.78 -0.87
N ILE A 228 22.76 1.66 -0.05
CA ILE A 228 21.38 1.59 0.42
C ILE A 228 20.73 2.94 0.19
N CYS A 229 19.55 2.96 -0.42
CA CYS A 229 18.76 4.18 -0.50
C CYS A 229 17.68 4.10 0.57
N LEU A 230 17.65 5.11 1.45
CA LEU A 230 16.78 5.07 2.60
C LEU A 230 16.46 6.51 3.01
N LEU A 231 15.77 6.65 4.14
CA LEU A 231 15.46 7.97 4.71
C LEU A 231 16.64 8.38 5.57
N HIS A 232 17.60 9.08 4.96
CA HIS A 232 18.85 9.40 5.62
C HIS A 232 18.58 10.16 6.91
N PRO A 233 19.10 9.71 8.05
CA PRO A 233 18.78 10.42 9.31
C PRO A 233 19.22 11.87 9.32
N VAL A 234 20.36 12.19 8.73
CA VAL A 234 20.82 13.57 8.68
C VAL A 234 20.13 14.27 7.52
N GLN A 235 19.45 15.37 7.82
CA GLN A 235 18.70 16.12 6.82
C GLN A 235 18.80 17.60 7.13
N LYS A 236 18.31 18.41 6.19
CA LYS A 236 18.63 19.83 6.19
C LYS A 236 17.78 20.62 7.19
N THR A 237 16.47 20.52 7.10
CA THR A 237 15.55 21.41 7.82
C THR A 237 14.98 20.72 9.06
N ALA A 238 14.32 21.53 9.89
CA ALA A 238 13.71 21.02 11.11
C ALA A 238 12.49 20.17 10.80
N PHE A 239 11.64 20.62 9.88
CA PHE A 239 10.47 19.82 9.51
C PHE A 239 10.89 18.56 8.76
N MET A 240 11.94 18.64 7.94
CA MET A 240 12.41 17.44 7.26
C MET A 240 12.95 16.42 8.25
N GLN A 241 13.67 16.89 9.28
CA GLN A 241 14.08 15.98 10.35
C GLN A 241 12.89 15.41 11.10
N PHE A 242 11.87 16.23 11.34
CA PHE A 242 10.68 15.73 12.00
C PHE A 242 10.05 14.60 11.18
N TYR A 243 9.96 14.78 9.86
CA TYR A 243 9.45 13.71 9.01
C TYR A 243 10.36 12.48 9.08
N LYS A 244 11.68 12.70 9.02
CA LYS A 244 12.59 11.56 9.12
C LYS A 244 12.36 10.77 10.40
N THR A 245 11.95 11.44 11.47
CA THR A 245 11.72 10.76 12.73
C THR A 245 10.33 10.17 12.87
N ALA A 246 9.33 10.70 12.15
CA ALA A 246 7.95 10.26 12.35
C ALA A 246 7.29 9.76 11.06
N LYS A 247 8.09 9.32 10.08
CA LYS A 247 7.52 8.81 8.84
C LYS A 247 6.54 7.66 9.08
N ASP A 248 6.98 6.64 9.83
CA ASP A 248 6.15 5.46 10.00
C ASP A 248 4.90 5.77 10.81
N TRP A 249 5.02 6.59 11.85
CA TRP A 249 3.84 6.99 12.61
C TRP A 249 2.87 7.76 11.73
N TRP A 250 3.37 8.67 10.91
CA TRP A 250 2.50 9.41 10.01
C TRP A 250 1.79 8.47 9.04
N LEU A 251 2.52 7.51 8.47
CA LEU A 251 1.92 6.58 7.52
C LEU A 251 0.83 5.75 8.18
N PHE A 252 1.10 5.23 9.38
CA PHE A 252 0.10 4.40 10.04
C PHE A 252 -1.11 5.22 10.50
N SER A 253 -0.90 6.50 10.83
CA SER A 253 -2.01 7.31 11.32
C SER A 253 -2.81 7.96 10.21
N PHE A 254 -2.28 8.03 8.98
CA PHE A 254 -2.99 8.65 7.86
C PHE A 254 -3.44 7.64 6.82
N TYR A 255 -2.52 6.84 6.28
CA TYR A 255 -2.84 5.97 5.15
C TYR A 255 -3.57 4.70 5.55
N PHE A 256 -3.66 4.40 6.86
CA PHE A 256 -4.35 3.20 7.33
C PHE A 256 -5.52 3.52 8.24
N CYS A 257 -5.30 4.27 9.32
CA CYS A 257 -6.36 4.51 10.29
C CYS A 257 -7.44 5.42 9.71
N LEU A 258 -7.05 6.50 9.05
CA LEU A 258 -8.04 7.43 8.52
C LEU A 258 -8.97 6.78 7.51
N PRO A 259 -8.48 6.10 6.47
CA PRO A 259 -9.42 5.47 5.53
C PRO A 259 -10.25 4.36 6.15
N LEU A 260 -9.64 3.52 6.98
CA LEU A 260 -10.39 2.49 7.67
C LEU A 260 -11.56 3.09 8.43
N ALA A 261 -11.29 4.11 9.24
CA ALA A 261 -12.33 4.72 10.05
C ALA A 261 -13.39 5.36 9.17
N ILE A 262 -12.97 6.09 8.13
CA ILE A 262 -13.94 6.80 7.30
C ILE A 262 -14.86 5.80 6.59
N THR A 263 -14.28 4.80 5.93
CA THR A 263 -15.10 3.84 5.20
C THR A 263 -16.01 3.08 6.15
N ALA A 264 -15.47 2.60 7.28
CA ALA A 264 -16.30 1.85 8.21
C ALA A 264 -17.45 2.70 8.72
N PHE A 265 -17.19 3.96 9.08
CA PHE A 265 -18.24 4.81 9.62
C PHE A 265 -19.30 5.11 8.58
N PHE A 266 -18.90 5.48 7.36
CA PHE A 266 -19.89 5.81 6.34
C PHE A 266 -20.70 4.59 5.93
N TYR A 267 -20.06 3.43 5.84
CA TYR A 267 -20.80 2.21 5.52
C TYR A 267 -21.74 1.81 6.67
N THR A 268 -21.32 2.05 7.91
CA THR A 268 -22.21 1.82 9.03
C THR A 268 -23.43 2.73 8.94
N LEU A 269 -23.22 3.99 8.55
CA LEU A 269 -24.35 4.89 8.36
C LEU A 269 -25.26 4.41 7.24
N MET A 270 -24.68 3.89 6.16
CA MET A 270 -25.50 3.35 5.06
C MET A 270 -26.36 2.19 5.55
N THR A 271 -25.76 1.26 6.29
CA THR A 271 -26.55 0.13 6.81
C THR A 271 -27.60 0.61 7.80
N CYS A 272 -27.26 1.61 8.62
CA CYS A 272 -28.23 2.15 9.57
CA CYS A 272 -28.23 2.14 9.56
C CYS A 272 -29.41 2.77 8.83
N GLU A 273 -29.15 3.46 7.72
CA GLU A 273 -30.24 4.01 6.94
C GLU A 273 -31.09 2.90 6.32
N MET A 274 -30.45 1.88 5.75
CA MET A 274 -31.21 0.73 5.25
C MET A 274 -32.09 0.14 6.35
N LEU A 275 -31.64 0.22 7.60
CA LEU A 275 -32.51 -0.09 8.73
C LEU A 275 -33.64 0.91 8.84
N ARG A 276 -33.35 2.18 8.60
CA ARG A 276 -34.40 3.21 8.57
C ARG A 276 -35.32 3.05 7.38
N LYS A 277 -34.90 2.33 6.35
CA LYS A 277 -35.76 2.02 5.21
C LYS A 277 -35.95 0.51 5.09
N ARG A 292 -31.61 -7.72 0.77
CA ARG A 292 -30.70 -6.59 0.74
C ARG A 292 -29.47 -6.83 1.61
N ARG A 293 -29.50 -7.92 2.38
CA ARG A 293 -28.37 -8.25 3.23
C ARG A 293 -27.09 -8.41 2.43
N GLU A 294 -27.21 -8.73 1.14
CA GLU A 294 -26.03 -9.02 0.32
C GLU A 294 -25.12 -7.80 0.20
N VAL A 295 -25.68 -6.61 0.07
CA VAL A 295 -24.86 -5.42 -0.05
C VAL A 295 -24.11 -5.16 1.26
N ALA A 296 -24.79 -5.36 2.40
CA ALA A 296 -24.10 -5.24 3.69
C ALA A 296 -22.99 -6.27 3.82
N LYS A 297 -23.23 -7.48 3.33
CA LYS A 297 -22.18 -8.51 3.36
C LYS A 297 -21.00 -8.09 2.51
N THR A 298 -21.25 -7.51 1.34
CA THR A 298 -20.17 -7.01 0.50
C THR A 298 -19.38 -5.92 1.22
N VAL A 299 -20.09 -5.02 1.89
CA VAL A 299 -19.44 -3.96 2.67
C VAL A 299 -18.53 -4.57 3.74
N PHE A 300 -19.07 -5.53 4.50
CA PHE A 300 -18.29 -6.16 5.55
C PHE A 300 -17.04 -6.82 4.97
N CYS A 301 -17.21 -7.55 3.86
CA CYS A 301 -16.07 -8.22 3.25
C CYS A 301 -15.01 -7.22 2.81
N LEU A 302 -15.44 -6.11 2.19
CA LEU A 302 -14.49 -5.12 1.71
C LEU A 302 -13.71 -4.52 2.87
N VAL A 303 -14.41 -4.09 3.92
CA VAL A 303 -13.71 -3.47 5.04
C VAL A 303 -12.79 -4.47 5.72
N LEU A 304 -13.27 -5.70 5.93
CA LEU A 304 -12.45 -6.70 6.59
C LEU A 304 -11.21 -7.05 5.79
N VAL A 305 -11.35 -7.19 4.47
CA VAL A 305 -10.17 -7.50 3.66
C VAL A 305 -9.20 -6.33 3.67
N PHE A 306 -9.70 -5.10 3.61
CA PHE A 306 -8.81 -3.95 3.70
C PHE A 306 -7.99 -4.00 4.99
N ALA A 307 -8.67 -4.21 6.12
CA ALA A 307 -7.97 -4.26 7.40
C ALA A 307 -6.95 -5.39 7.42
N LEU A 308 -7.38 -6.61 7.08
CA LEU A 308 -6.51 -7.77 7.20
C LEU A 308 -5.36 -7.74 6.20
N CYS A 309 -5.49 -6.98 5.12
CA CYS A 309 -4.45 -6.93 4.11
C CYS A 309 -3.49 -5.76 4.28
N TRP A 310 -3.89 -4.69 4.96
CA TRP A 310 -2.99 -3.59 5.23
C TRP A 310 -2.42 -3.61 6.65
N LEU A 311 -2.93 -4.47 7.53
CA LEU A 311 -2.39 -4.52 8.89
C LEU A 311 -0.94 -4.99 8.93
N PRO A 312 -0.55 -6.09 8.28
CA PRO A 312 0.76 -6.69 8.57
C PRO A 312 1.94 -5.75 8.35
N LEU A 313 1.92 -4.93 7.30
CA LEU A 313 3.06 -4.06 7.02
C LEU A 313 3.22 -3.00 8.11
N HIS A 314 2.12 -2.36 8.50
CA HIS A 314 2.17 -1.40 9.59
C HIS A 314 2.61 -2.06 10.88
N LEU A 315 2.13 -3.28 11.15
CA LEU A 315 2.55 -3.99 12.34
C LEU A 315 4.06 -4.22 12.33
N SER A 316 4.61 -4.64 11.18
CA SER A 316 6.04 -4.89 11.10
C SER A 316 6.83 -3.62 11.36
N ARG A 317 6.41 -2.50 10.77
CA ARG A 317 7.17 -1.27 10.94
C ARG A 317 7.09 -0.75 12.37
N ILE A 318 5.91 -0.84 13.00
CA ILE A 318 5.81 -0.41 14.38
C ILE A 318 6.63 -1.33 15.28
N LEU A 319 6.68 -2.63 14.96
CA LEU A 319 7.53 -3.53 15.73
C LEU A 319 9.00 -3.17 15.58
N LYS A 320 9.43 -2.81 14.38
CA LYS A 320 10.78 -2.28 14.21
C LYS A 320 11.02 -1.08 15.12
N LEU A 321 10.12 -0.10 15.06
CA LEU A 321 10.29 1.12 15.83
C LEU A 321 10.22 0.89 17.34
N THR A 322 9.56 -0.19 17.78
CA THR A 322 9.29 -0.40 19.19
C THR A 322 10.26 -1.36 19.87
N LEU A 323 10.62 -2.47 19.22
CA LEU A 323 11.38 -3.53 19.85
C LEU A 323 12.82 -3.62 19.36
N TYR A 324 13.25 -2.77 18.43
CA TYR A 324 14.61 -2.80 17.93
C TYR A 324 15.53 -2.09 18.90
N ASN A 325 16.58 -2.78 19.33
CA ASN A 325 17.55 -2.26 20.29
C ASN A 325 18.91 -2.11 19.60
N GLN A 326 19.92 -1.75 20.40
CA GLN A 326 21.25 -1.53 19.87
C GLN A 326 22.27 -1.81 20.97
N ASN A 327 23.53 -1.99 20.56
CA ASN A 327 24.71 -2.17 21.38
C ASN A 327 24.77 -3.60 21.94
N ASP A 328 23.71 -4.38 21.84
CA ASP A 328 23.69 -5.73 22.39
C ASP A 328 23.13 -6.71 21.38
N PRO A 329 23.51 -7.99 21.47
CA PRO A 329 23.08 -8.99 20.46
C PRO A 329 21.65 -9.46 20.68
N ASN A 330 20.70 -8.56 20.52
CA ASN A 330 19.28 -8.87 20.69
C ASN A 330 18.45 -8.17 19.62
N ARG A 331 19.01 -7.98 18.42
CA ARG A 331 18.33 -7.21 17.40
C ARG A 331 18.32 -7.90 16.04
N CYS A 332 19.31 -8.75 15.76
CA CYS A 332 19.41 -9.33 14.43
C CYS A 332 18.25 -10.28 14.14
N GLU A 333 17.83 -11.04 15.15
CA GLU A 333 16.69 -11.94 14.96
C GLU A 333 15.43 -11.15 14.60
N LEU A 334 15.22 -10.02 15.28
CA LEU A 334 14.06 -9.19 14.98
C LEU A 334 14.12 -8.70 13.53
N LEU A 335 15.29 -8.28 13.07
CA LEU A 335 15.42 -7.82 11.69
C LEU A 335 15.11 -8.95 10.71
N SER A 336 15.66 -10.14 10.97
CA SER A 336 15.43 -11.26 10.07
C SER A 336 13.95 -11.60 9.98
N PHE A 337 13.25 -11.61 11.11
CA PHE A 337 11.82 -11.91 11.10
C PHE A 337 11.02 -10.76 10.48
N LEU A 338 11.49 -9.52 10.63
CA LEU A 338 10.80 -8.39 10.05
C LEU A 338 10.89 -8.38 8.53
N LEU A 339 11.97 -8.90 7.96
CA LEU A 339 11.99 -9.10 6.51
C LEU A 339 10.77 -9.89 6.06
N VAL A 340 10.53 -11.03 6.72
CA VAL A 340 9.40 -11.88 6.38
C VAL A 340 8.08 -11.14 6.58
N LEU A 341 7.94 -10.48 7.74
CA LEU A 341 6.70 -9.76 8.00
C LEU A 341 6.43 -8.71 6.93
N ASP A 342 7.45 -7.94 6.55
CA ASP A 342 7.27 -6.87 5.59
C ASP A 342 6.89 -7.40 4.22
N TYR A 343 7.55 -8.48 3.77
CA TYR A 343 7.22 -9.01 2.45
C TYR A 343 5.82 -9.63 2.44
N ILE A 344 5.46 -10.33 3.50
CA ILE A 344 4.09 -10.85 3.60
C ILE A 344 3.09 -9.69 3.55
N GLY A 345 3.37 -8.62 4.32
CA GLY A 345 2.43 -7.51 4.37
C GLY A 345 2.29 -6.80 3.03
N ILE A 346 3.37 -6.69 2.28
CA ILE A 346 3.26 -6.04 0.97
C ILE A 346 2.49 -6.93 0.00
N ASN A 347 2.65 -8.25 0.08
CA ASN A 347 1.77 -9.12 -0.70
C ASN A 347 0.31 -8.93 -0.32
N MET A 348 0.03 -8.84 0.98
CA MET A 348 -1.36 -8.63 1.40
C MET A 348 -1.91 -7.30 0.90
N ALA A 349 -1.08 -6.25 0.92
CA ALA A 349 -1.51 -4.97 0.39
C ALA A 349 -1.83 -5.07 -1.11
N SER A 350 -1.00 -5.79 -1.86
CA SER A 350 -1.30 -6.01 -3.27
C SER A 350 -2.60 -6.78 -3.44
N LEU A 351 -2.85 -7.75 -2.56
CA LEU A 351 -4.11 -8.49 -2.63
C LEU A 351 -5.30 -7.58 -2.38
N ASN A 352 -5.18 -6.66 -1.42
CA ASN A 352 -6.26 -5.70 -1.20
C ASN A 352 -6.48 -4.84 -2.43
N SER A 353 -5.39 -4.42 -3.07
CA SER A 353 -5.53 -3.71 -4.34
C SER A 353 -6.27 -4.55 -5.36
N CYS A 354 -6.04 -5.86 -5.36
CA CYS A 354 -6.66 -6.75 -6.34
C CYS A 354 -8.11 -7.06 -6.02
N ILE A 355 -8.54 -6.89 -4.77
CA ILE A 355 -9.82 -7.45 -4.33
C ILE A 355 -11.01 -6.85 -5.07
N ASN A 356 -11.04 -5.54 -5.29
CA ASN A 356 -12.29 -4.86 -5.62
C ASN A 356 -12.96 -5.39 -6.89
N PRO A 357 -12.26 -5.63 -7.99
CA PRO A 357 -12.95 -6.18 -9.17
C PRO A 357 -13.66 -7.50 -8.90
N ILE A 358 -13.07 -8.36 -8.07
CA ILE A 358 -13.72 -9.63 -7.74
C ILE A 358 -15.04 -9.38 -7.02
N ALA A 359 -15.06 -8.44 -6.08
CA ALA A 359 -16.30 -8.13 -5.37
C ALA A 359 -17.34 -7.55 -6.32
N LEU A 360 -16.95 -6.57 -7.13
CA LEU A 360 -17.91 -5.99 -8.07
C LEU A 360 -18.40 -7.01 -9.08
N TYR A 361 -17.65 -8.08 -9.31
CA TYR A 361 -18.18 -9.20 -10.09
C TYR A 361 -19.22 -9.97 -9.29
N LEU A 362 -18.82 -10.54 -8.15
CA LEU A 362 -19.70 -11.47 -7.46
C LEU A 362 -20.95 -10.80 -6.89
N VAL A 363 -21.00 -9.47 -6.84
CA VAL A 363 -22.12 -8.75 -6.25
C VAL A 363 -23.03 -8.15 -7.32
N SER A 364 -22.46 -7.40 -8.27
CA SER A 364 -23.25 -6.64 -9.22
C SER A 364 -23.55 -7.47 -10.47
N LYS A 365 -24.83 -7.55 -10.83
CA LYS A 365 -25.21 -8.27 -12.04
C LYS A 365 -24.75 -7.52 -13.29
N ARG A 366 -24.83 -6.19 -13.28
CA ARG A 366 -24.35 -5.41 -14.42
C ARG A 366 -22.86 -5.63 -14.63
N PHE A 367 -22.08 -5.51 -13.55
CA PHE A 367 -20.65 -5.79 -13.67
C PHE A 367 -20.38 -7.25 -13.97
N LYS A 368 -21.20 -8.17 -13.46
CA LYS A 368 -21.03 -9.58 -13.80
C LYS A 368 -21.14 -9.78 -15.31
N ASN A 369 -22.21 -9.26 -15.92
CA ASN A 369 -22.38 -9.38 -17.36
C ASN A 369 -21.26 -8.66 -18.10
N CYS A 370 -20.83 -7.52 -17.59
CA CYS A 370 -19.76 -6.77 -18.26
C CYS A 370 -18.46 -7.57 -18.27
N PHE A 371 -18.11 -8.16 -17.13
CA PHE A 371 -16.91 -9.00 -17.06
C PHE A 371 -17.05 -10.21 -17.98
N LYS A 372 -18.22 -10.85 -18.00
CA LYS A 372 -18.42 -11.98 -18.89
C LYS A 372 -18.20 -11.57 -20.35
N SER A 373 -18.77 -10.43 -20.74
CA SER A 373 -18.66 -9.99 -22.13
C SER A 373 -17.23 -9.64 -22.50
N CYS A 374 -16.52 -8.93 -21.63
CA CYS A 374 -15.17 -8.49 -21.96
C CYS A 374 -14.19 -9.64 -21.93
N LEU A 375 -14.25 -10.47 -20.88
CA LEU A 375 -13.24 -11.52 -20.70
C LEU A 375 -13.44 -12.67 -21.68
N CYS A 376 -14.69 -13.09 -21.87
CA CYS A 376 -14.98 -14.26 -22.70
C CYS A 376 -14.82 -13.99 -24.18
N CYS A 377 -14.65 -12.74 -24.58
CA CYS A 377 -14.49 -12.40 -26.00
C CYS A 377 -13.46 -11.30 -26.19
N CYS B 1 15.06 2.12 4.88
CA CYS B 1 14.19 2.39 6.06
C CYS B 1 14.82 3.43 6.97
N SER B 2 14.22 3.66 8.13
CA SER B 2 14.69 4.67 9.08
C SER B 2 15.73 4.05 10.01
N CYS B 3 16.81 4.78 10.26
CA CYS B 3 17.85 4.37 11.20
C CYS B 3 18.20 5.53 12.11
N SER B 4 18.75 5.21 13.27
CA SER B 4 19.17 6.25 14.20
C SER B 4 20.34 7.05 13.65
N SER B 5 21.29 6.38 13.00
CA SER B 5 22.47 7.03 12.45
C SER B 5 23.15 6.03 11.51
N LEU B 6 24.34 6.38 11.06
CA LEU B 6 25.14 5.52 10.20
C LEU B 6 26.05 4.58 10.98
N MET B 7 26.14 4.74 12.30
CA MET B 7 26.97 3.86 13.11
C MET B 7 26.31 2.51 13.38
N ASP B 8 24.97 2.46 13.38
CA ASP B 8 24.25 1.22 13.65
C ASP B 8 24.25 0.40 12.36
N LYS B 9 25.23 -0.50 12.25
CA LYS B 9 25.41 -1.24 11.01
C LYS B 9 24.20 -2.11 10.69
N GLU B 10 23.65 -2.77 11.70
CA GLU B 10 22.58 -3.75 11.47
C GLU B 10 21.31 -3.07 10.97
N CYS B 11 20.96 -1.90 11.51
CA CYS B 11 19.75 -1.23 11.04
C CYS B 11 19.86 -0.89 9.56
N VAL B 12 21.01 -0.40 9.13
CA VAL B 12 21.16 -0.02 7.73
C VAL B 12 21.25 -1.25 6.85
N TYR B 13 21.81 -2.35 7.37
CA TYR B 13 21.79 -3.59 6.59
C TYR B 13 20.37 -4.09 6.40
N PHE B 14 19.55 -4.04 7.45
CA PHE B 14 18.14 -4.36 7.30
C PHE B 14 17.50 -3.46 6.25
N CYS B 15 17.80 -2.16 6.29
CA CYS B 15 17.33 -1.26 5.24
C CYS B 15 17.74 -1.76 3.86
N HIS B 16 18.96 -2.28 3.75
CA HIS B 16 19.40 -2.85 2.49
C HIS B 16 18.51 -4.00 2.06
N LEU B 17 18.18 -4.89 2.99
CA LEU B 17 17.36 -6.05 2.66
C LEU B 17 15.87 -5.77 2.73
N ASP B 18 15.46 -4.65 3.33
CA ASP B 18 14.05 -4.38 3.52
C ASP B 18 13.42 -3.90 2.21
N ILE B 19 12.08 -3.93 2.19
CA ILE B 19 11.30 -3.46 1.05
C ILE B 19 11.43 -1.95 0.92
N ILE B 20 11.07 -1.42 -0.25
CA ILE B 20 11.07 0.03 -0.47
C ILE B 20 9.72 0.53 0.04
N TRP B 21 9.73 1.12 1.23
CA TRP B 21 8.50 1.60 1.84
C TRP B 21 8.83 2.37 3.13
#